data_1N3F
#
_entry.id   1N3F
#
_cell.length_a   78.320
_cell.length_b   76.390
_cell.length_c   81.060
_cell.angle_alpha   90.00
_cell.angle_beta   108.75
_cell.angle_gamma   90.00
#
_symmetry.space_group_name_H-M   'P 1 21 1'
#
loop_
_entity.id
_entity.type
_entity.pdbx_description
1 polymer "5'-D(*CP*GP*AP*AP*AP*CP*TP*GP*TP*CP*TP*CP*GP*A)-3'"
2 polymer "5'-D(P*GP*AP*CP*AP*GP*TP*TP*TP*CP*G-3')"
3 polymer 'DNA endonuclease I-CreI'
4 non-polymer 'CALCIUM ION'
5 water water
#
loop_
_entity_poly.entity_id
_entity_poly.type
_entity_poly.pdbx_seq_one_letter_code
_entity_poly.pdbx_strand_id
1 'polydeoxyribonucleotide' (DC)(DG)(DA)(DA)(DA)(DC)(DT)(DG)(DT)(DC)(DT)(DC)(DG)(DA) C,E,I,K
2 'polydeoxyribonucleotide' (DG)(DA)(DC)(DA)(DG)(DT)(DT)(DT)(DC)(DG) D,F,J,L
3 'polypeptide(L)'
;MNTKYNKEFLLYLAGFVDGDGSIIAQIKPNQSYKFKHQLSLTFQVTQKTQRRWFLDKLVDEIGVGYVRDRGSVSDYILSE
IKPLHNFLTQLQPFLKLKQKQANLVLKIIEQLPSAKESPDKFLEVCTWVDQIAALNDSKTRKTTSETVRAVLDSLSEKKK
SSP
;
A,B,G,H
#
loop_
_chem_comp.id
_chem_comp.type
_chem_comp.name
_chem_comp.formula
CA non-polymer 'CALCIUM ION' 'Ca 2'
DA DNA linking 2'-DEOXYADENOSINE-5'-MONOPHOSPHATE 'C10 H14 N5 O6 P'
DC DNA linking 2'-DEOXYCYTIDINE-5'-MONOPHOSPHATE 'C9 H14 N3 O7 P'
DG DNA linking 2'-DEOXYGUANOSINE-5'-MONOPHOSPHATE 'C10 H14 N5 O7 P'
DT DNA linking THYMIDINE-5'-MONOPHOSPHATE 'C10 H15 N2 O8 P'
#
# COMPACT_ATOMS: atom_id res chain seq x y z
N THR I 3 28.97 -0.44 -32.12
CA THR I 3 28.21 -1.52 -32.81
C THR I 3 26.73 -1.18 -32.92
N LYS I 4 26.14 -1.52 -34.07
CA LYS I 4 24.72 -1.28 -34.31
C LYS I 4 23.92 -2.55 -34.09
N TYR I 5 23.00 -2.50 -33.13
CA TYR I 5 22.21 -3.68 -32.82
C TYR I 5 21.03 -3.92 -33.75
N ASN I 6 20.67 -5.18 -33.92
CA ASN I 6 19.56 -5.54 -34.77
C ASN I 6 18.23 -5.09 -34.16
N LYS I 7 17.40 -4.42 -34.96
CA LYS I 7 16.12 -3.92 -34.48
C LYS I 7 15.20 -4.94 -33.82
N GLU I 8 15.05 -6.13 -34.40
CA GLU I 8 14.17 -7.13 -33.80
C GLU I 8 14.69 -7.55 -32.42
N PHE I 9 16.01 -7.54 -32.24
CA PHE I 9 16.63 -7.87 -30.94
C PHE I 9 16.30 -6.72 -29.97
N LEU I 10 16.47 -5.48 -30.43
CA LEU I 10 16.20 -4.33 -29.57
C LEU I 10 14.74 -4.30 -29.11
N LEU I 11 13.81 -4.66 -29.99
CA LEU I 11 12.38 -4.67 -29.64
C LEU I 11 12.08 -5.71 -28.56
N TYR I 12 12.58 -6.92 -28.74
CA TYR I 12 12.37 -7.97 -27.74
C TYR I 12 13.02 -7.57 -26.42
N LEU I 13 14.28 -7.14 -26.49
CA LEU I 13 14.99 -6.74 -25.27
C LEU I 13 14.32 -5.57 -24.54
N ALA I 14 13.71 -4.65 -25.29
CA ALA I 14 13.04 -3.51 -24.66
C ALA I 14 11.89 -4.04 -23.81
N GLY I 15 11.17 -5.03 -24.32
CA GLY I 15 10.08 -5.59 -23.56
C GLY I 15 10.61 -6.33 -22.34
N PHE I 16 11.67 -7.12 -22.53
CA PHE I 16 12.24 -7.87 -21.42
C PHE I 16 12.74 -6.93 -20.33
N VAL I 17 13.36 -5.82 -20.73
CA VAL I 17 13.88 -4.85 -19.78
C VAL I 17 12.76 -4.16 -19.02
N ASP I 18 11.73 -3.74 -19.74
CA ASP I 18 10.59 -3.08 -19.08
C ASP I 18 10.05 -4.04 -18.03
N GLY I 19 10.14 -5.33 -18.29
CA GLY I 19 9.66 -6.31 -17.33
C GLY I 19 10.64 -6.62 -16.20
N ASP I 20 11.81 -7.17 -16.53
CA ASP I 20 12.79 -7.54 -15.50
C ASP I 20 14.11 -6.77 -15.44
N GLY I 21 14.24 -5.73 -16.25
CA GLY I 21 15.48 -4.98 -16.21
C GLY I 21 15.42 -3.79 -15.28
N SER I 22 16.53 -3.05 -15.22
CA SER I 22 16.58 -1.88 -14.37
C SER I 22 17.57 -0.89 -14.97
N ILE I 23 17.19 0.38 -15.02
CA ILE I 23 18.04 1.44 -15.52
C ILE I 23 18.28 2.25 -14.24
N ILE I 24 19.50 2.15 -13.74
CA ILE I 24 19.89 2.73 -12.46
C ILE I 24 20.90 3.86 -12.47
N ALA I 25 20.65 4.89 -11.67
CA ALA I 25 21.57 6.02 -11.52
C ALA I 25 21.83 6.14 -10.02
N GLN I 26 23.10 6.24 -9.64
CA GLN I 26 23.45 6.36 -8.23
C GLN I 26 24.51 7.38 -7.90
N ILE I 27 24.49 7.84 -6.65
CA ILE I 27 25.46 8.80 -6.13
C ILE I 27 26.13 8.01 -5.01
N LYS I 28 27.38 7.63 -5.22
CA LYS I 28 28.10 6.83 -4.25
C LYS I 28 29.15 7.61 -3.48
N PRO I 29 28.94 7.77 -2.16
CA PRO I 29 29.87 8.49 -1.27
C PRO I 29 31.19 7.74 -1.31
N ASN I 30 32.26 8.43 -1.69
CA ASN I 30 33.56 7.77 -1.75
C ASN I 30 34.61 8.86 -1.67
N GLN I 31 35.47 8.77 -0.66
CA GLN I 31 36.49 9.78 -0.43
C GLN I 31 37.57 9.96 -1.51
N SER I 32 37.83 8.93 -2.31
CA SER I 32 38.86 9.09 -3.34
C SER I 32 38.37 9.91 -4.52
N TYR I 33 37.17 10.48 -4.44
CA TYR I 33 36.63 11.29 -5.52
C TYR I 33 36.64 12.77 -5.22
N LYS I 34 36.66 13.57 -6.29
CA LYS I 34 36.67 15.03 -6.20
C LYS I 34 35.63 15.54 -5.19
N PHE I 35 34.37 15.44 -5.55
CA PHE I 35 33.28 15.91 -4.69
C PHE I 35 32.82 14.88 -3.66
N LYS I 36 33.72 13.97 -3.30
CA LYS I 36 33.43 12.95 -2.30
C LYS I 36 32.34 11.96 -2.71
N HIS I 37 31.93 12.00 -3.97
CA HIS I 37 30.89 11.10 -4.47
C HIS I 37 31.13 10.68 -5.91
N GLN I 38 30.85 9.43 -6.22
CA GLN I 38 30.99 8.92 -7.58
C GLN I 38 29.59 8.78 -8.19
N LEU I 39 29.41 9.29 -9.40
CA LEU I 39 28.14 9.18 -10.12
C LEU I 39 28.24 7.81 -10.79
N SER I 40 27.30 6.93 -10.49
CA SER I 40 27.32 5.58 -11.05
C SER I 40 26.07 5.29 -11.86
N LEU I 41 26.25 4.79 -13.08
CA LEU I 41 25.15 4.46 -13.96
C LEU I 41 25.15 2.98 -14.31
N THR I 42 24.00 2.32 -14.19
CA THR I 42 23.92 0.89 -14.50
C THR I 42 22.66 0.46 -15.24
N PHE I 43 22.87 -0.37 -16.25
CA PHE I 43 21.78 -0.99 -16.99
C PHE I 43 21.93 -2.45 -16.57
N GLN I 44 20.85 -3.07 -16.08
CA GLN I 44 20.97 -4.48 -15.70
C GLN I 44 19.71 -5.26 -16.04
N VAL I 45 19.86 -6.57 -16.11
CA VAL I 45 18.73 -7.44 -16.38
C VAL I 45 18.90 -8.56 -15.36
N THR I 46 17.87 -8.78 -14.54
CA THR I 46 17.95 -9.80 -13.50
C THR I 46 17.21 -11.07 -13.90
N GLN I 47 17.74 -12.22 -13.50
CA GLN I 47 17.09 -13.47 -13.80
C GLN I 47 17.62 -14.59 -12.92
N LYS I 48 16.74 -15.53 -12.61
CA LYS I 48 17.07 -16.69 -11.79
C LYS I 48 18.32 -17.33 -12.40
N THR I 49 19.27 -17.71 -11.55
CA THR I 49 20.52 -18.30 -12.02
C THR I 49 20.31 -19.52 -12.92
N GLN I 50 19.22 -20.26 -12.70
CA GLN I 50 18.93 -21.41 -13.52
C GLN I 50 18.84 -20.99 -15.00
N ARG I 51 18.47 -19.72 -15.24
CA ARG I 51 18.38 -19.20 -16.60
C ARG I 51 19.54 -18.28 -16.94
N ARG I 52 20.68 -18.54 -16.31
CA ARG I 52 21.88 -17.76 -16.53
C ARG I 52 22.28 -17.74 -18.01
N TRP I 53 21.96 -18.81 -18.74
CA TRP I 53 22.31 -18.90 -20.15
C TRP I 53 21.75 -17.72 -20.94
N PHE I 54 20.58 -17.24 -20.54
CA PHE I 54 19.93 -16.11 -21.19
C PHE I 54 20.76 -14.85 -20.98
N LEU I 55 21.26 -14.66 -19.76
CA LEU I 55 22.08 -13.49 -19.46
C LEU I 55 23.42 -13.58 -20.19
N ASP I 56 23.99 -14.78 -20.27
CA ASP I 56 25.26 -14.96 -20.97
C ASP I 56 25.08 -14.57 -22.44
N LYS I 57 23.94 -14.94 -23.00
CA LYS I 57 23.62 -14.63 -24.40
C LYS I 57 23.59 -13.12 -24.59
N LEU I 58 23.08 -12.41 -23.58
CA LEU I 58 23.03 -10.95 -23.63
C LEU I 58 24.46 -10.41 -23.71
N VAL I 59 25.39 -11.03 -22.97
CA VAL I 59 26.78 -10.58 -23.03
C VAL I 59 27.33 -10.72 -24.45
N ASP I 60 27.01 -11.84 -25.09
CA ASP I 60 27.47 -12.12 -26.46
C ASP I 60 26.83 -11.18 -27.49
N GLU I 61 25.53 -10.93 -27.31
CA GLU I 61 24.76 -10.08 -28.21
C GLU I 61 25.17 -8.62 -28.12
N ILE I 62 25.12 -8.09 -26.90
CA ILE I 62 25.47 -6.70 -26.66
C ILE I 62 26.97 -6.51 -26.90
N GLY I 63 27.73 -7.57 -26.63
CA GLY I 63 29.17 -7.54 -26.85
C GLY I 63 30.02 -6.90 -25.78
N VAL I 64 29.38 -6.52 -24.67
CA VAL I 64 30.07 -5.86 -23.58
C VAL I 64 29.25 -6.17 -22.32
N GLY I 65 29.79 -5.87 -21.15
CA GLY I 65 29.08 -6.14 -19.91
C GLY I 65 29.41 -7.53 -19.38
N TYR I 66 28.85 -7.89 -18.22
CA TYR I 66 29.11 -9.21 -17.68
C TYR I 66 27.97 -9.67 -16.78
N VAL I 67 28.03 -10.94 -16.42
CA VAL I 67 27.01 -11.55 -15.57
C VAL I 67 27.55 -11.72 -14.16
N ARG I 68 26.79 -11.24 -13.19
CA ARG I 68 27.13 -11.33 -11.77
C ARG I 68 26.25 -12.42 -11.17
N ASP I 69 26.80 -13.15 -10.22
CA ASP I 69 26.08 -14.22 -9.55
C ASP I 69 25.80 -13.85 -8.10
N ARG I 70 24.54 -13.98 -7.67
CA ARG I 70 24.19 -13.72 -6.28
C ARG I 70 23.22 -14.79 -5.81
N GLY I 71 23.74 -16.01 -5.73
CA GLY I 71 22.95 -17.14 -5.26
C GLY I 71 21.97 -17.73 -6.24
N SER I 72 20.70 -17.69 -5.89
CA SER I 72 19.68 -18.25 -6.76
C SER I 72 19.29 -17.26 -7.85
N VAL I 73 19.89 -16.07 -7.80
CA VAL I 73 19.61 -15.02 -8.78
C VAL I 73 20.92 -14.53 -9.38
N SER I 74 20.86 -14.06 -10.63
CA SER I 74 22.04 -13.54 -11.31
C SER I 74 21.65 -12.27 -12.09
N ASP I 75 22.63 -11.48 -12.52
CA ASP I 75 22.34 -10.24 -13.24
C ASP I 75 23.31 -9.94 -14.38
N TYR I 76 22.76 -9.48 -15.51
CA TYR I 76 23.60 -9.02 -16.59
C TYR I 76 23.90 -7.59 -16.18
N ILE I 77 25.14 -7.13 -16.26
CA ILE I 77 25.43 -5.77 -15.83
C ILE I 77 26.27 -4.99 -16.83
N LEU I 78 25.83 -3.78 -17.14
CA LEU I 78 26.55 -2.92 -18.08
C LEU I 78 26.70 -1.53 -17.47
N SER I 79 27.94 -1.20 -17.09
CA SER I 79 28.23 0.10 -16.49
C SER I 79 29.26 0.95 -17.22
N GLU I 80 30.04 0.34 -18.12
CA GLU I 80 31.03 1.09 -18.87
C GLU I 80 30.26 2.20 -19.58
N ILE I 81 30.63 3.43 -19.29
CA ILE I 81 29.94 4.59 -19.83
C ILE I 81 29.75 4.71 -21.34
N LYS I 82 30.83 4.59 -22.11
CA LYS I 82 30.73 4.69 -23.57
C LYS I 82 29.80 3.60 -24.15
N PRO I 83 30.04 2.32 -23.79
CA PRO I 83 29.18 1.25 -24.31
C PRO I 83 27.74 1.45 -23.86
N LEU I 84 27.56 1.94 -22.64
CA LEU I 84 26.22 2.16 -22.09
C LEU I 84 25.48 3.20 -22.92
N HIS I 85 26.15 4.31 -23.25
CA HIS I 85 25.52 5.35 -24.04
C HIS I 85 25.10 4.81 -25.39
N ASN I 86 26.02 4.11 -26.06
CA ASN I 86 25.73 3.54 -27.36
C ASN I 86 24.52 2.60 -27.31
N PHE I 87 24.49 1.74 -26.30
CA PHE I 87 23.42 0.79 -26.13
C PHE I 87 22.06 1.44 -25.80
N LEU I 88 22.02 2.28 -24.77
CA LEU I 88 20.75 2.91 -24.41
C LEU I 88 20.20 3.80 -25.51
N THR I 89 21.09 4.38 -26.31
CA THR I 89 20.65 5.25 -27.41
C THR I 89 19.82 4.41 -28.37
N GLN I 90 20.24 3.18 -28.62
CA GLN I 90 19.50 2.33 -29.54
C GLN I 90 18.29 1.63 -28.94
N LEU I 91 18.32 1.37 -27.64
CA LEU I 91 17.21 0.71 -26.97
C LEU I 91 16.06 1.64 -26.63
N GLN I 92 16.39 2.85 -26.21
CA GLN I 92 15.37 3.78 -25.75
C GLN I 92 14.13 4.00 -26.63
N PRO I 93 14.28 3.98 -27.97
CA PRO I 93 13.05 4.19 -28.77
C PRO I 93 11.98 3.13 -28.55
N PHE I 94 12.41 1.94 -28.12
CA PHE I 94 11.47 0.83 -27.93
C PHE I 94 10.95 0.61 -26.51
N LEU I 95 11.49 1.31 -25.54
CA LEU I 95 11.04 1.16 -24.16
C LEU I 95 9.70 1.87 -23.96
N LYS I 96 8.85 1.30 -23.11
CA LYS I 96 7.55 1.88 -22.84
C LYS I 96 7.38 2.24 -21.37
N LEU I 97 8.05 1.49 -20.49
CA LEU I 97 7.96 1.77 -19.06
C LEU I 97 9.18 2.48 -18.54
N LYS I 98 10.31 2.26 -19.17
CA LYS I 98 11.54 2.84 -18.67
C LYS I 98 12.24 3.78 -19.64
N GLN I 99 11.49 4.28 -20.62
CA GLN I 99 12.07 5.17 -21.60
C GLN I 99 12.58 6.46 -21.00
N LYS I 100 11.83 7.02 -20.05
CA LYS I 100 12.25 8.27 -19.41
C LYS I 100 13.56 8.07 -18.64
N GLN I 101 13.68 6.94 -17.94
CA GLN I 101 14.91 6.68 -17.19
C GLN I 101 16.09 6.57 -18.15
N ALA I 102 15.91 5.93 -19.30
CA ALA I 102 16.99 5.79 -20.28
C ALA I 102 17.46 7.14 -20.80
N ASN I 103 16.51 8.01 -21.12
CA ASN I 103 16.82 9.34 -21.63
C ASN I 103 17.54 10.20 -20.59
N LEU I 104 17.16 10.06 -19.32
CA LEU I 104 17.84 10.82 -18.27
C LEU I 104 19.26 10.29 -18.10
N VAL I 105 19.45 8.99 -18.22
CA VAL I 105 20.79 8.43 -18.09
C VAL I 105 21.66 8.95 -19.23
N LEU I 106 21.10 8.99 -20.43
CA LEU I 106 21.84 9.48 -21.60
C LEU I 106 22.24 10.94 -21.38
N LYS I 107 21.32 11.72 -20.84
CA LYS I 107 21.55 13.13 -20.58
C LYS I 107 22.66 13.28 -19.53
N ILE I 108 22.66 12.42 -18.52
CA ILE I 108 23.68 12.46 -17.48
C ILE I 108 25.04 12.18 -18.10
N ILE I 109 25.12 11.09 -18.86
CA ILE I 109 26.38 10.71 -19.50
C ILE I 109 26.97 11.86 -20.31
N GLU I 110 26.14 12.50 -21.13
CA GLU I 110 26.59 13.60 -21.96
C GLU I 110 27.10 14.79 -21.17
N GLN I 111 26.69 14.90 -19.91
CA GLN I 111 27.10 16.00 -19.05
C GLN I 111 28.24 15.68 -18.10
N LEU I 112 28.60 14.41 -18.00
CA LEU I 112 29.67 13.98 -17.10
C LEU I 112 30.95 14.81 -17.15
N PRO I 113 31.56 14.94 -18.34
CA PRO I 113 32.79 15.73 -18.42
C PRO I 113 32.61 17.14 -17.83
N SER I 114 31.54 17.79 -18.23
CA SER I 114 31.22 19.13 -17.76
C SER I 114 30.89 19.17 -16.27
N ALA I 115 30.23 18.12 -15.78
CA ALA I 115 29.83 18.05 -14.38
C ALA I 115 31.01 17.89 -13.43
N LYS I 116 32.13 17.41 -13.95
CA LYS I 116 33.32 17.19 -13.14
C LYS I 116 34.07 18.49 -12.85
N GLU I 117 33.40 19.62 -13.04
CA GLU I 117 34.04 20.92 -12.83
C GLU I 117 33.32 21.81 -11.83
N SER I 118 32.06 22.10 -12.10
CA SER I 118 31.29 22.97 -11.23
C SER I 118 30.50 22.23 -10.17
N PRO I 119 30.78 22.53 -8.89
CA PRO I 119 30.03 21.85 -7.83
C PRO I 119 28.54 22.05 -8.09
N ASP I 120 28.22 23.16 -8.74
CA ASP I 120 26.82 23.46 -9.06
C ASP I 120 26.33 22.59 -10.20
N LYS I 121 27.21 22.30 -11.14
CA LYS I 121 26.82 21.47 -12.27
C LYS I 121 26.74 20.01 -11.83
N PHE I 122 27.63 19.62 -10.94
CA PHE I 122 27.63 18.25 -10.42
C PHE I 122 26.35 18.03 -9.62
N LEU I 123 25.90 19.08 -8.95
CA LEU I 123 24.69 19.03 -8.14
C LEU I 123 23.47 18.89 -9.04
N GLU I 124 23.46 19.63 -10.15
CA GLU I 124 22.35 19.57 -11.08
C GLU I 124 22.23 18.15 -11.64
N VAL I 125 23.33 17.60 -12.12
CA VAL I 125 23.32 16.24 -12.66
C VAL I 125 22.76 15.30 -11.60
N CYS I 126 23.12 15.53 -10.34
CA CYS I 126 22.63 14.72 -9.25
C CYS I 126 21.11 14.81 -9.12
N THR I 127 20.53 15.94 -9.51
CA THR I 127 19.08 16.07 -9.42
C THR I 127 18.43 15.21 -10.51
N TRP I 128 19.17 14.96 -11.58
CA TRP I 128 18.66 14.12 -12.66
C TRP I 128 18.69 12.68 -12.17
N VAL I 129 19.61 12.41 -11.23
CA VAL I 129 19.70 11.08 -10.65
C VAL I 129 18.42 10.91 -9.84
N ASP I 130 18.05 11.97 -9.11
CA ASP I 130 16.82 11.94 -8.29
C ASP I 130 15.58 11.61 -9.13
N GLN I 131 15.50 12.21 -10.32
CA GLN I 131 14.35 11.99 -11.19
C GLN I 131 14.25 10.53 -11.65
N ILE I 132 15.39 9.91 -11.94
CA ILE I 132 15.38 8.51 -12.37
C ILE I 132 14.86 7.63 -11.25
N ALA I 133 15.34 7.88 -10.04
CA ALA I 133 14.91 7.10 -8.89
C ALA I 133 13.41 7.26 -8.67
N ALA I 134 12.90 8.47 -8.86
CA ALA I 134 11.47 8.71 -8.70
C ALA I 134 10.65 7.90 -9.69
N LEU I 135 11.22 7.67 -10.87
CA LEU I 135 10.53 6.89 -11.91
C LEU I 135 10.59 5.38 -11.64
N ASN I 136 11.66 4.92 -11.01
CA ASN I 136 11.80 3.50 -10.70
C ASN I 136 10.96 3.17 -9.47
N ASP I 137 10.84 1.88 -9.15
CA ASP I 137 10.09 1.49 -7.96
C ASP I 137 11.11 1.49 -6.82
N SER I 138 11.67 2.67 -6.55
CA SER I 138 12.70 2.86 -5.53
C SER I 138 12.16 2.68 -4.12
N LYS I 139 12.83 1.86 -3.31
CA LYS I 139 12.39 1.60 -1.95
C LYS I 139 13.50 1.64 -0.88
N THR I 140 14.77 1.62 -1.27
CA THR I 140 15.85 1.65 -0.28
C THR I 140 16.90 2.72 -0.51
N ARG I 141 16.54 3.75 -1.25
CA ARG I 141 17.46 4.84 -1.58
C ARG I 141 17.91 5.64 -0.35
N LYS I 142 19.19 6.02 -0.35
CA LYS I 142 19.80 6.77 0.76
C LYS I 142 20.50 8.06 0.36
N THR I 143 21.40 7.98 -0.61
CA THR I 143 22.13 9.15 -1.05
C THR I 143 21.43 9.83 -2.21
N THR I 144 21.05 11.09 -1.99
CA THR I 144 20.34 11.89 -2.97
C THR I 144 21.11 13.17 -3.25
N SER I 145 20.60 14.01 -4.14
CA SER I 145 21.30 15.26 -4.43
C SER I 145 21.37 16.13 -3.17
N GLU I 146 20.40 15.96 -2.26
CA GLU I 146 20.36 16.71 -1.01
C GLU I 146 21.54 16.34 -0.13
N THR I 147 21.88 15.00 -0.18
CA THR I 147 22.99 14.52 0.62
C THR I 147 24.23 15.19 0.09
N VAL I 148 24.35 15.19 -1.23
CA VAL I 148 25.48 15.80 -1.92
C VAL I 148 25.64 17.29 -1.69
N ARG I 149 24.53 17.97 -1.47
CA ARG I 149 24.69 19.39 -1.33
C ARG I 149 24.96 19.81 0.09
N ALA I 150 24.61 18.93 1.02
CA ALA I 150 24.95 19.26 2.37
C ALA I 150 26.45 19.37 2.35
N VAL I 151 26.99 18.65 1.39
CA VAL I 151 28.39 18.42 1.18
C VAL I 151 29.11 19.32 0.19
N THR J 3 -7.78 -12.06 -35.98
CA THR J 3 -7.01 -10.78 -36.05
C THR J 3 -5.50 -11.00 -36.03
N LYS J 4 -4.81 -10.34 -36.97
CA LYS J 4 -3.36 -10.45 -37.12
C LYS J 4 -2.64 -9.30 -36.43
N TYR J 5 -1.79 -9.62 -35.46
CA TYR J 5 -1.09 -8.60 -34.72
C TYR J 5 0.16 -8.04 -35.37
N ASN J 6 0.48 -6.81 -35.01
CA ASN J 6 1.65 -6.11 -35.53
C ASN J 6 2.89 -6.83 -35.03
N LYS J 7 3.83 -7.09 -35.94
CA LYS J 7 5.06 -7.80 -35.58
C LYS J 7 5.90 -7.12 -34.50
N GLU J 8 6.05 -5.80 -34.55
CA GLU J 8 6.86 -5.10 -33.56
C GLU J 8 6.21 -5.14 -32.18
N PHE J 9 4.88 -5.19 -32.17
CA PHE J 9 4.11 -5.28 -30.94
C PHE J 9 4.36 -6.66 -30.32
N LEU J 10 4.32 -7.70 -31.15
CA LEU J 10 4.53 -9.07 -30.69
C LEU J 10 5.96 -9.32 -30.22
N LEU J 11 6.93 -8.67 -30.88
CA LEU J 11 8.33 -8.81 -30.49
C LEU J 11 8.51 -8.25 -29.09
N TYR J 12 8.02 -7.03 -28.87
CA TYR J 12 8.12 -6.35 -27.58
C TYR J 12 7.37 -7.12 -26.49
N LEU J 13 6.15 -7.57 -26.81
CA LEU J 13 5.34 -8.31 -25.85
C LEU J 13 6.01 -9.65 -25.48
N ALA J 14 6.63 -10.32 -26.45
CA ALA J 14 7.29 -11.59 -26.16
C ALA J 14 8.37 -11.35 -25.10
N GLY J 15 9.12 -10.26 -25.26
CA GLY J 15 10.15 -9.95 -24.28
C GLY J 15 9.51 -9.66 -22.93
N PHE J 16 8.46 -8.84 -22.92
CA PHE J 16 7.80 -8.53 -21.66
C PHE J 16 7.21 -9.79 -21.00
N VAL J 17 6.66 -10.69 -21.81
CA VAL J 17 6.07 -11.94 -21.32
C VAL J 17 7.15 -12.84 -20.71
N ASP J 18 8.27 -13.00 -21.42
CA ASP J 18 9.36 -13.81 -20.94
C ASP J 18 9.81 -13.28 -19.56
N GLY J 19 9.68 -11.97 -19.36
CA GLY J 19 10.05 -11.40 -18.08
C GLY J 19 8.94 -11.48 -17.02
N ASP J 20 7.81 -10.84 -17.28
CA ASP J 20 6.71 -10.79 -16.30
C ASP J 20 5.41 -11.51 -16.63
N GLY J 21 5.41 -12.27 -17.73
CA GLY J 21 4.21 -12.97 -18.10
C GLY J 21 4.22 -14.40 -17.60
N SER J 22 3.10 -15.10 -17.82
CA SER J 22 3.00 -16.48 -17.39
C SER J 22 2.09 -17.24 -18.36
N ILE J 23 2.55 -18.41 -18.78
CA ILE J 23 1.79 -19.27 -19.67
C ILE J 23 1.45 -20.47 -18.78
N ILE J 24 0.18 -20.51 -18.38
CA ILE J 24 -0.35 -21.48 -17.42
C ILE J 24 -1.32 -22.54 -17.91
N ALA J 25 -1.11 -23.77 -17.45
CA ALA J 25 -2.00 -24.89 -17.79
C ALA J 25 -2.31 -25.56 -16.45
N GLN J 26 -3.59 -25.73 -16.17
CA GLN J 26 -4.01 -26.34 -14.91
C GLN J 26 -5.05 -27.43 -15.10
N ILE J 27 -5.13 -28.30 -14.11
CA ILE J 27 -6.10 -29.38 -14.08
C ILE J 27 -6.89 -29.06 -12.82
N LYS J 28 -8.10 -28.55 -13.02
CA LYS J 28 -8.96 -28.16 -11.91
C LYS J 28 -10.00 -29.22 -11.56
N PRO J 29 -9.94 -29.75 -10.32
CA PRO J 29 -10.91 -30.75 -9.87
C PRO J 29 -12.27 -30.08 -9.90
N ASN J 30 -13.22 -30.68 -10.60
CA ASN J 30 -14.56 -30.12 -10.70
C ASN J 30 -15.52 -31.26 -11.03
N GLN J 31 -16.46 -31.50 -10.12
CA GLN J 31 -17.43 -32.57 -10.27
C GLN J 31 -18.35 -32.47 -11.48
N SER J 32 -18.68 -31.25 -11.90
CA SER J 32 -19.58 -31.05 -13.03
C SER J 32 -18.92 -31.39 -14.38
N TYR J 33 -17.65 -31.78 -14.35
CA TYR J 33 -16.94 -32.13 -15.58
C TYR J 33 -16.81 -33.63 -15.76
N LYS J 34 -16.90 -34.05 -17.02
CA LYS J 34 -16.82 -35.46 -17.39
C LYS J 34 -15.86 -36.30 -16.56
N PHE J 35 -14.56 -36.00 -16.66
CA PHE J 35 -13.56 -36.75 -15.92
C PHE J 35 -13.24 -36.11 -14.58
N LYS J 36 -14.22 -35.43 -14.02
CA LYS J 36 -14.09 -34.76 -12.73
C LYS J 36 -13.00 -33.70 -12.68
N HIS J 37 -12.59 -33.19 -13.84
CA HIS J 37 -11.57 -32.15 -13.89
C HIS J 37 -11.71 -31.26 -15.13
N GLN J 38 -11.40 -29.98 -14.95
CA GLN J 38 -11.45 -29.05 -16.08
C GLN J 38 -10.03 -28.68 -16.46
N LEU J 39 -9.72 -28.78 -17.74
CA LEU J 39 -8.41 -28.40 -18.23
C LEU J 39 -8.50 -26.89 -18.43
N SER J 40 -7.64 -26.15 -17.77
CA SER J 40 -7.65 -24.70 -17.88
C SER J 40 -6.32 -24.16 -18.40
N LEU J 41 -6.40 -23.28 -19.41
CA LEU J 41 -5.20 -22.68 -20.00
C LEU J 41 -5.30 -21.16 -19.88
N THR J 42 -4.25 -20.55 -19.33
CA THR J 42 -4.23 -19.10 -19.14
C THR J 42 -2.93 -18.42 -19.58
N PHE J 43 -3.08 -17.28 -20.24
CA PHE J 43 -1.95 -16.44 -20.60
C PHE J 43 -2.20 -15.21 -19.77
N GLN J 44 -1.20 -14.77 -19.03
CA GLN J 44 -1.38 -13.57 -18.22
C GLN J 44 -0.11 -12.74 -18.18
N VAL J 45 -0.27 -11.48 -17.82
CA VAL J 45 0.86 -10.59 -17.67
C VAL J 45 0.56 -9.85 -16.38
N THR J 46 1.45 -9.97 -15.42
CA THR J 46 1.29 -9.33 -14.13
C THR J 46 2.02 -8.00 -14.06
N GLN J 47 1.46 -7.06 -13.30
CA GLN J 47 2.13 -5.77 -13.13
C GLN J 47 1.54 -4.97 -11.98
N LYS J 48 2.40 -4.17 -11.36
CA LYS J 48 2.03 -3.31 -10.25
C LYS J 48 0.80 -2.51 -10.69
N THR J 49 -0.20 -2.41 -9.82
CA THR J 49 -1.42 -1.71 -10.15
C THR J 49 -1.20 -0.25 -10.58
N GLN J 50 -0.15 0.37 -10.06
CA GLN J 50 0.15 1.74 -10.43
C GLN J 50 0.43 1.82 -11.94
N ARG J 51 0.72 0.67 -12.56
CA ARG J 51 0.97 0.63 -14.01
C ARG J 51 -0.12 -0.17 -14.74
N ARG J 52 -1.33 -0.13 -14.19
CA ARG J 52 -2.46 -0.85 -14.77
C ARG J 52 -2.74 -0.36 -16.19
N TRP J 53 -2.36 0.88 -16.48
CA TRP J 53 -2.58 1.44 -17.80
C TRP J 53 -1.85 0.62 -18.86
N PHE J 54 -0.76 -0.02 -18.47
CA PHE J 54 0.00 -0.85 -19.40
C PHE J 54 -0.83 -2.08 -19.71
N LEU J 55 -1.40 -2.68 -18.66
CA LEU J 55 -2.23 -3.87 -18.83
C LEU J 55 -3.51 -3.55 -19.61
N ASP J 56 -4.11 -2.39 -19.33
CA ASP J 56 -5.33 -2.00 -20.04
C ASP J 56 -5.00 -1.89 -21.52
N LYS J 57 -3.80 -1.42 -21.82
CA LYS J 57 -3.36 -1.28 -23.19
C LYS J 57 -3.28 -2.63 -23.90
N LEU J 58 -2.93 -3.69 -23.17
CA LEU J 58 -2.86 -5.02 -23.76
C LEU J 58 -4.27 -5.43 -24.19
N VAL J 59 -5.26 -5.14 -23.35
CA VAL J 59 -6.64 -5.50 -23.68
C VAL J 59 -7.00 -4.88 -25.03
N ASP J 60 -6.67 -3.60 -25.22
CA ASP J 60 -6.98 -2.94 -26.47
C ASP J 60 -6.21 -3.51 -27.65
N GLU J 61 -4.91 -3.73 -27.46
CA GLU J 61 -4.07 -4.26 -28.52
C GLU J 61 -4.43 -5.68 -28.90
N ILE J 62 -4.55 -6.56 -27.92
CA ILE J 62 -4.88 -7.95 -28.20
C ILE J 62 -6.36 -8.07 -28.60
N GLY J 63 -7.17 -7.14 -28.10
CA GLY J 63 -8.59 -7.12 -28.44
C GLY J 63 -9.46 -8.14 -27.74
N VAL J 64 -8.91 -8.81 -26.74
CA VAL J 64 -9.67 -9.79 -25.99
C VAL J 64 -9.01 -9.91 -24.62
N GLY J 65 -9.70 -10.53 -23.67
CA GLY J 65 -9.12 -10.67 -22.35
C GLY J 65 -9.49 -9.49 -21.46
N TYR J 66 -9.03 -9.50 -20.22
CA TYR J 66 -9.36 -8.43 -19.30
C TYR J 66 -8.31 -8.25 -18.21
N VAL J 67 -8.45 -7.17 -17.46
CA VAL J 67 -7.52 -6.86 -16.38
C VAL J 67 -8.16 -7.17 -15.03
N ARG J 68 -7.48 -8.01 -14.26
CA ARG J 68 -7.94 -8.37 -12.93
C ARG J 68 -7.15 -7.56 -11.92
N ASP J 69 -7.82 -7.14 -10.87
CA ASP J 69 -7.19 -6.34 -9.83
C ASP J 69 -7.08 -7.17 -8.55
N ARG J 70 -5.90 -7.21 -7.95
CA ARG J 70 -5.71 -7.94 -6.71
C ARG J 70 -4.88 -7.10 -5.74
N GLY J 71 -5.41 -5.93 -5.39
CA GLY J 71 -4.72 -5.04 -4.49
C GLY J 71 -3.64 -4.22 -5.17
N SER J 72 -2.41 -4.32 -4.67
CA SER J 72 -1.29 -3.56 -5.24
C SER J 72 -0.76 -4.13 -6.54
N VAL J 73 -1.31 -5.26 -6.97
CA VAL J 73 -0.88 -5.91 -8.21
C VAL J 73 -2.09 -6.21 -9.08
N SER J 74 -1.90 -6.16 -10.40
CA SER J 74 -3.00 -6.46 -11.31
C SER J 74 -2.48 -7.41 -12.37
N ASP J 75 -3.40 -8.03 -13.10
CA ASP J 75 -2.99 -8.97 -14.15
C ASP J 75 -3.86 -8.84 -15.40
N TYR J 76 -3.21 -8.90 -16.55
CA TYR J 76 -3.94 -8.94 -17.80
C TYR J 76 -4.17 -10.47 -17.93
N ILE J 77 -5.40 -10.88 -18.21
CA ILE J 77 -5.71 -12.30 -18.32
C ILE J 77 -6.46 -12.67 -19.60
N LEU J 78 -6.06 -13.78 -20.21
CA LEU J 78 -6.69 -14.27 -21.43
C LEU J 78 -6.85 -15.78 -21.32
N SER J 79 -8.10 -16.24 -21.22
CA SER J 79 -8.40 -17.67 -21.11
C SER J 79 -9.36 -18.23 -22.15
N GLU J 80 -9.95 -17.37 -22.96
CA GLU J 80 -10.85 -17.85 -24.01
C GLU J 80 -9.98 -18.66 -24.95
N ILE J 81 -10.33 -19.93 -25.12
CA ILE J 81 -9.54 -20.83 -25.95
C ILE J 81 -9.24 -20.42 -27.38
N LYS J 82 -10.26 -20.10 -28.16
CA LYS J 82 -10.03 -19.72 -29.54
C LYS J 82 -9.10 -18.51 -29.68
N PRO J 83 -9.38 -17.41 -28.96
CA PRO J 83 -8.52 -16.22 -29.03
C PRO J 83 -7.11 -16.50 -28.50
N LEU J 84 -7.03 -17.38 -27.51
CA LEU J 84 -5.74 -17.74 -26.92
C LEU J 84 -4.89 -18.44 -27.96
N HIS J 85 -5.48 -19.41 -28.66
CA HIS J 85 -4.74 -20.14 -29.67
C HIS J 85 -4.26 -19.19 -30.78
N ASN J 86 -5.11 -18.25 -31.18
CA ASN J 86 -4.73 -17.28 -32.21
C ASN J 86 -3.60 -16.37 -31.74
N PHE J 87 -3.73 -15.91 -30.50
CA PHE J 87 -2.72 -15.02 -29.94
C PHE J 87 -1.38 -15.74 -29.73
N LEU J 88 -1.41 -16.89 -29.06
CA LEU J 88 -0.17 -17.63 -28.80
C LEU J 88 0.52 -18.10 -30.08
N THR J 89 -0.27 -18.48 -31.08
CA THR J 89 0.31 -18.91 -32.35
C THR J 89 1.14 -17.77 -32.91
N GLN J 90 0.68 -16.54 -32.71
CA GLN J 90 1.40 -15.40 -33.23
C GLN J 90 2.57 -14.92 -32.37
N LEU J 91 2.50 -15.18 -31.07
CA LEU J 91 3.58 -14.77 -30.16
C LEU J 91 4.71 -15.80 -30.10
N GLN J 92 4.38 -17.06 -30.31
CA GLN J 92 5.34 -18.17 -30.24
C GLN J 92 6.67 -18.01 -30.95
N PRO J 93 6.68 -17.45 -32.18
CA PRO J 93 7.96 -17.29 -32.88
C PRO J 93 8.96 -16.38 -32.19
N PHE J 94 8.47 -15.50 -31.32
CA PHE J 94 9.32 -14.52 -30.64
C PHE J 94 9.71 -14.79 -29.19
N LEU J 95 9.09 -15.78 -28.58
CA LEU J 95 9.40 -16.11 -27.19
C LEU J 95 10.76 -16.80 -27.10
N LYS J 96 11.49 -16.52 -26.03
CA LYS J 96 12.79 -17.14 -25.83
C LYS J 96 12.82 -17.99 -24.55
N LEU J 97 12.18 -17.52 -23.49
CA LEU J 97 12.18 -18.29 -22.24
C LEU J 97 10.95 -19.18 -22.12
N LYS J 98 9.84 -18.73 -22.67
CA LYS J 98 8.61 -19.48 -22.56
C LYS J 98 8.08 -20.07 -23.86
N GLN J 99 8.95 -20.19 -24.85
CA GLN J 99 8.54 -20.74 -26.13
C GLN J 99 8.08 -22.20 -25.98
N LYS J 100 8.81 -23.01 -25.21
CA LYS J 100 8.41 -24.40 -25.01
C LYS J 100 7.02 -24.48 -24.38
N GLN J 101 6.75 -23.61 -23.42
CA GLN J 101 5.44 -23.62 -22.78
C GLN J 101 4.35 -23.28 -23.79
N ALA J 102 4.62 -22.27 -24.62
CA ALA J 102 3.67 -21.85 -25.64
C ALA J 102 3.38 -23.01 -26.59
N ASN J 103 4.42 -23.77 -26.95
CA ASN J 103 4.23 -24.92 -27.85
C ASN J 103 3.32 -25.97 -27.22
N LEU J 104 3.55 -26.28 -25.95
CA LEU J 104 2.74 -27.28 -25.27
C LEU J 104 1.28 -26.83 -25.16
N VAL J 105 1.07 -25.56 -24.86
CA VAL J 105 -0.28 -25.02 -24.76
C VAL J 105 -1.01 -25.13 -26.10
N LEU J 106 -0.32 -24.79 -27.19
CA LEU J 106 -0.91 -24.87 -28.53
C LEU J 106 -1.25 -26.32 -28.87
N LYS J 107 -0.36 -27.21 -28.44
CA LYS J 107 -0.50 -28.63 -28.67
C LYS J 107 -1.75 -29.11 -27.94
N ILE J 108 -1.88 -28.71 -26.68
CA ILE J 108 -3.04 -29.08 -25.88
C ILE J 108 -4.32 -28.56 -26.53
N ILE J 109 -4.33 -27.28 -26.88
CA ILE J 109 -5.50 -26.68 -27.49
C ILE J 109 -5.96 -27.47 -28.71
N GLU J 110 -5.03 -27.85 -29.56
CA GLU J 110 -5.37 -28.59 -30.77
C GLU J 110 -5.91 -30.02 -30.53
N GLN J 111 -5.68 -30.58 -29.33
CA GLN J 111 -6.19 -31.94 -29.02
C GLN J 111 -7.32 -31.93 -27.95
N LEU J 112 -7.79 -30.75 -27.55
CA LEU J 112 -8.85 -30.63 -26.56
C LEU J 112 -10.13 -31.38 -26.96
N PRO J 113 -10.58 -31.22 -28.22
CA PRO J 113 -11.78 -31.92 -28.65
C PRO J 113 -11.70 -33.44 -28.49
N SER J 114 -10.60 -34.03 -28.97
CA SER J 114 -10.43 -35.48 -28.89
C SER J 114 -10.00 -35.96 -27.50
N ALA J 115 -9.58 -35.04 -26.64
CA ALA J 115 -9.16 -35.40 -25.30
C ALA J 115 -10.37 -35.54 -24.38
N LYS J 116 -11.50 -35.02 -24.84
CA LYS J 116 -12.75 -35.05 -24.10
C LYS J 116 -13.50 -36.36 -24.33
N GLU J 117 -12.80 -37.38 -24.84
CA GLU J 117 -13.42 -38.67 -25.10
C GLU J 117 -12.73 -39.80 -24.35
N SER J 118 -11.55 -40.19 -24.83
CA SER J 118 -10.81 -41.27 -24.20
C SER J 118 -10.16 -40.84 -22.88
N PRO J 119 -10.41 -41.60 -21.80
CA PRO J 119 -9.83 -41.27 -20.49
C PRO J 119 -8.31 -41.34 -20.59
N ASP J 120 -7.84 -42.11 -21.56
CA ASP J 120 -6.42 -42.29 -21.81
C ASP J 120 -5.89 -41.06 -22.52
N LYS J 121 -6.70 -40.52 -23.43
CA LYS J 121 -6.35 -39.34 -24.20
C LYS J 121 -6.28 -38.14 -23.26
N PHE J 122 -7.24 -38.06 -22.36
CA PHE J 122 -7.29 -36.97 -21.39
C PHE J 122 -6.04 -37.04 -20.53
N LEU J 123 -5.71 -38.24 -20.09
CA LEU J 123 -4.55 -38.46 -19.26
C LEU J 123 -3.29 -37.95 -19.95
N GLU J 124 -3.15 -38.31 -21.23
CA GLU J 124 -1.99 -37.89 -22.01
C GLU J 124 -1.90 -36.37 -22.01
N VAL J 125 -3.02 -35.72 -22.31
CA VAL J 125 -3.04 -34.27 -22.33
C VAL J 125 -2.65 -33.71 -20.97
N CYS J 126 -3.00 -34.42 -19.91
CA CYS J 126 -2.67 -33.97 -18.57
C CYS J 126 -1.16 -34.10 -18.37
N THR J 127 -0.54 -35.00 -19.13
CA THR J 127 0.90 -35.20 -19.05
C THR J 127 1.55 -33.94 -19.60
N TRP J 128 0.97 -33.41 -20.68
CA TRP J 128 1.50 -32.20 -21.30
C TRP J 128 1.39 -31.05 -20.31
N VAL J 129 0.32 -31.04 -19.52
CA VAL J 129 0.14 -30.00 -18.52
C VAL J 129 1.25 -30.10 -17.48
N ASP J 130 1.64 -31.32 -17.12
CA ASP J 130 2.71 -31.50 -16.13
C ASP J 130 4.01 -30.89 -16.68
N GLN J 131 4.26 -31.12 -17.97
CA GLN J 131 5.46 -30.60 -18.62
C GLN J 131 5.53 -29.06 -18.57
N ILE J 132 4.39 -28.40 -18.73
CA ILE J 132 4.38 -26.94 -18.67
C ILE J 132 4.76 -26.49 -17.27
N ALA J 133 4.14 -27.09 -16.27
CA ALA J 133 4.43 -26.74 -14.89
C ALA J 133 5.91 -26.95 -14.60
N ALA J 134 6.48 -28.04 -15.12
CA ALA J 134 7.88 -28.34 -14.88
C ALA J 134 8.80 -27.27 -15.50
N LEU J 135 8.35 -26.65 -16.59
CA LEU J 135 9.13 -25.60 -17.27
C LEU J 135 8.99 -24.25 -16.56
N ASN J 136 7.84 -24.01 -15.96
CA ASN J 136 7.62 -22.76 -15.24
C ASN J 136 8.32 -22.86 -13.89
N ASP J 137 8.32 -21.77 -13.12
CA ASP J 137 8.93 -21.79 -11.80
C ASP J 137 7.78 -22.17 -10.84
N SER J 138 7.26 -23.38 -11.00
CA SER J 138 6.15 -23.88 -10.19
C SER J 138 6.55 -24.18 -8.74
N LYS J 139 5.75 -23.67 -7.81
CA LYS J 139 6.04 -23.84 -6.39
C LYS J 139 4.85 -24.24 -5.52
N THR J 140 3.62 -24.13 -6.02
CA THR J 140 2.46 -24.47 -5.21
C THR J 140 1.46 -25.36 -5.90
N ARG J 141 1.92 -26.10 -6.90
CA ARG J 141 1.07 -26.98 -7.66
C ARG J 141 0.59 -28.17 -6.85
N LYS J 142 -0.67 -28.55 -7.05
CA LYS J 142 -1.26 -29.68 -6.32
C LYS J 142 -1.77 -30.79 -7.23
N THR J 143 -2.70 -30.41 -8.10
CA THR J 143 -3.32 -31.36 -9.02
C THR J 143 -2.46 -31.61 -10.25
N THR J 144 -2.09 -32.87 -10.44
CA THR J 144 -1.26 -33.27 -11.57
C THR J 144 -1.96 -34.38 -12.35
N SER J 145 -1.29 -34.92 -13.36
CA SER J 145 -1.85 -36.01 -14.15
C SER J 145 -1.98 -37.23 -13.26
N GLU J 146 -1.16 -37.28 -12.21
CA GLU J 146 -1.17 -38.39 -11.26
C GLU J 146 -2.45 -38.35 -10.44
N THR J 147 -2.78 -37.17 -9.91
CA THR J 147 -4.00 -37.01 -9.12
C THR J 147 -5.20 -37.31 -10.01
N VAL J 148 -5.09 -36.99 -11.29
CA VAL J 148 -6.16 -37.23 -12.24
C VAL J 148 -6.24 -38.73 -12.52
N ARG J 149 -5.14 -39.44 -12.34
CA ARG J 149 -5.16 -40.87 -12.60
C ARG J 149 -6.01 -41.66 -11.61
N ALA J 150 -6.51 -40.99 -10.57
CA ALA J 150 -7.33 -41.66 -9.58
C ALA J 150 -8.76 -41.88 -10.06
N VAL J 151 -8.95 -41.90 -11.38
CA VAL J 151 -10.27 -42.13 -11.96
C VAL J 151 -10.29 -43.45 -12.74
N THR K 3 -34.57 10.53 22.54
CA THR K 3 -33.90 11.67 23.22
C THR K 3 -33.11 12.49 22.20
N LYS K 4 -33.01 13.79 22.43
CA LYS K 4 -32.28 14.65 21.50
C LYS K 4 -30.93 15.03 22.10
N TYR K 5 -29.85 14.58 21.46
CA TYR K 5 -28.51 14.84 21.95
C TYR K 5 -28.00 16.24 21.70
N ASN K 6 -27.25 16.77 22.66
CA ASN K 6 -26.72 18.12 22.54
C ASN K 6 -25.68 18.20 21.43
N LYS K 7 -25.79 19.23 20.59
CA LYS K 7 -24.87 19.39 19.47
C LYS K 7 -23.37 19.37 19.77
N GLU K 8 -22.92 20.10 20.79
CA GLU K 8 -21.50 20.10 21.11
C GLU K 8 -20.99 18.72 21.53
N PHE K 9 -21.87 17.92 22.14
CA PHE K 9 -21.50 16.56 22.53
C PHE K 9 -21.41 15.72 21.27
N LEU K 10 -22.37 15.89 20.37
CA LEU K 10 -22.37 15.12 19.14
C LEU K 10 -21.12 15.41 18.32
N LEU K 11 -20.72 16.66 18.28
CA LEU K 11 -19.53 17.09 17.54
C LEU K 11 -18.28 16.44 18.12
N TYR K 12 -18.11 16.56 19.43
CA TYR K 12 -16.94 15.95 20.07
C TYR K 12 -16.93 14.45 19.85
N LEU K 13 -18.08 13.80 20.08
CA LEU K 13 -18.17 12.36 19.92
C LEU K 13 -17.93 11.89 18.50
N ALA K 14 -18.34 12.69 17.53
CA ALA K 14 -18.15 12.33 16.13
C ALA K 14 -16.65 12.24 15.87
N GLY K 15 -15.90 13.17 16.47
CA GLY K 15 -14.45 13.15 16.30
C GLY K 15 -13.85 11.94 16.99
N PHE K 16 -14.31 11.63 18.21
CA PHE K 16 -13.78 10.50 18.95
C PHE K 16 -14.10 9.18 18.23
N VAL K 17 -15.28 9.09 17.63
CA VAL K 17 -15.69 7.88 16.93
C VAL K 17 -14.86 7.68 15.65
N ASP K 18 -14.69 8.75 14.88
CA ASP K 18 -13.90 8.64 13.65
C ASP K 18 -12.53 8.10 14.02
N GLY K 19 -12.08 8.39 15.24
CA GLY K 19 -10.78 7.90 15.68
C GLY K 19 -10.78 6.52 16.29
N ASP K 20 -11.50 6.33 17.39
CA ASP K 20 -11.51 5.02 18.07
C ASP K 20 -12.81 4.25 18.09
N GLY K 21 -13.81 4.73 17.36
CA GLY K 21 -15.08 4.04 17.33
C GLY K 21 -15.18 3.10 16.15
N SER K 22 -16.28 2.39 16.06
CA SER K 22 -16.46 1.46 14.96
C SER K 22 -17.96 1.32 14.72
N ILE K 23 -18.33 1.36 13.45
CA ILE K 23 -19.73 1.21 13.04
C ILE K 23 -19.70 -0.11 12.27
N ILE K 24 -20.19 -1.15 12.94
CA ILE K 24 -20.14 -2.51 12.44
C ILE K 24 -21.46 -3.14 11.98
N ALA K 25 -21.38 -3.87 10.86
CA ALA K 25 -22.52 -4.59 10.31
C ALA K 25 -22.04 -6.02 10.05
N GLN K 26 -22.77 -7.00 10.57
CA GLN K 26 -22.37 -8.39 10.39
C GLN K 26 -23.53 -9.30 10.00
N ILE K 27 -23.18 -10.42 9.38
CA ILE K 27 -24.14 -11.45 8.99
C ILE K 27 -23.68 -12.64 9.81
N LYS K 28 -24.47 -13.01 10.81
CA LYS K 28 -24.10 -14.11 11.69
C LYS K 28 -24.86 -15.40 11.42
N PRO K 29 -24.14 -16.47 11.07
CA PRO K 29 -24.81 -17.75 10.80
C PRO K 29 -25.47 -18.27 12.07
N ASN K 30 -26.79 -18.41 12.04
CA ASN K 30 -27.54 -18.91 13.19
C ASN K 30 -28.76 -19.69 12.71
N GLN K 31 -28.82 -20.97 13.08
CA GLN K 31 -29.90 -21.85 12.67
C GLN K 31 -31.31 -21.47 13.15
N SER K 32 -31.39 -20.84 14.32
CA SER K 32 -32.70 -20.45 14.85
C SER K 32 -33.33 -19.28 14.10
N TYR K 33 -32.67 -18.83 13.02
CA TYR K 33 -33.18 -17.72 12.22
C TYR K 33 -33.71 -18.21 10.88
N LYS K 34 -34.69 -17.46 10.36
CA LYS K 34 -35.35 -17.77 9.08
C LYS K 34 -34.39 -18.14 7.97
N PHE K 35 -33.52 -17.20 7.59
CA PHE K 35 -32.57 -17.44 6.51
C PHE K 35 -31.22 -17.96 7.00
N LYS K 36 -31.24 -18.62 8.15
CA LYS K 36 -30.03 -19.19 8.75
C LYS K 36 -28.97 -18.17 9.09
N HIS K 37 -29.36 -16.90 9.15
CA HIS K 37 -28.42 -15.83 9.50
C HIS K 37 -29.12 -14.66 10.17
N GLN K 38 -28.45 -14.07 11.16
CA GLN K 38 -28.97 -12.92 11.86
C GLN K 38 -28.19 -11.70 11.39
N LEU K 39 -28.90 -10.62 11.05
CA LEU K 39 -28.22 -9.38 10.65
C LEU K 39 -27.94 -8.66 11.97
N SER K 40 -26.66 -8.41 12.24
CA SER K 40 -26.27 -7.75 13.47
C SER K 40 -25.67 -6.37 13.21
N LEU K 41 -26.09 -5.38 13.98
CA LEU K 41 -25.57 -4.02 13.82
C LEU K 41 -25.01 -3.51 15.14
N THR K 42 -23.82 -2.92 15.10
CA THR K 42 -23.20 -2.43 16.31
C THR K 42 -22.43 -1.12 16.16
N PHE K 43 -22.61 -0.25 17.15
CA PHE K 43 -21.87 1.00 17.21
C PHE K 43 -21.03 0.79 18.45
N GLN K 44 -19.73 1.02 18.36
CA GLN K 44 -18.90 0.84 19.54
C GLN K 44 -17.74 1.81 19.63
N VAL K 45 -17.28 2.01 20.85
CA VAL K 45 -16.13 2.86 21.11
C VAL K 45 -15.24 2.06 22.03
N THR K 46 -14.02 1.85 21.58
CA THR K 46 -13.02 1.08 22.32
C THR K 46 -12.06 2.01 23.06
N GLN K 47 -11.64 1.59 24.25
CA GLN K 47 -10.71 2.40 25.01
C GLN K 47 -10.11 1.54 26.13
N LYS K 48 -8.83 1.77 26.36
CA LYS K 48 -8.05 1.08 27.39
C LYS K 48 -8.90 1.09 28.66
N THR K 49 -8.91 -0.04 29.37
CA THR K 49 -9.72 -0.16 30.58
C THR K 49 -9.43 0.85 31.69
N GLN K 50 -8.21 1.39 31.74
CA GLN K 50 -7.89 2.38 32.76
C GLN K 50 -8.71 3.66 32.54
N ARG K 51 -9.27 3.79 31.34
CA ARG K 51 -10.10 4.95 30.99
C ARG K 51 -11.57 4.55 30.84
N ARG K 52 -11.94 3.48 31.53
CA ARG K 52 -13.30 2.98 31.50
C ARG K 52 -14.31 4.06 31.92
N TRP K 53 -13.89 4.97 32.79
CA TRP K 53 -14.76 6.03 33.26
C TRP K 53 -15.34 6.84 32.10
N PHE K 54 -14.55 6.96 31.04
CA PHE K 54 -14.97 7.70 29.85
C PHE K 54 -16.07 6.92 29.15
N LEU K 55 -15.93 5.60 29.09
CA LEU K 55 -16.93 4.75 28.46
C LEU K 55 -18.23 4.78 29.28
N ASP K 56 -18.12 4.79 30.60
CA ASP K 56 -19.30 4.82 31.46
C ASP K 56 -20.02 6.16 31.26
N LYS K 57 -19.24 7.20 31.03
CA LYS K 57 -19.78 8.52 30.78
C LYS K 57 -20.61 8.48 29.49
N LEU K 58 -20.14 7.73 28.50
CA LEU K 58 -20.89 7.61 27.24
C LEU K 58 -22.23 6.94 27.50
N VAL K 59 -22.24 5.92 28.38
CA VAL K 59 -23.48 5.24 28.71
C VAL K 59 -24.48 6.25 29.32
N ASP K 60 -23.99 7.08 30.23
CA ASP K 60 -24.85 8.07 30.89
C ASP K 60 -25.36 9.14 29.93
N GLU K 61 -24.47 9.61 29.05
CA GLU K 61 -24.78 10.64 28.06
C GLU K 61 -25.77 10.14 27.02
N ILE K 62 -25.42 9.03 26.40
CA ILE K 62 -26.25 8.44 25.36
C ILE K 62 -27.54 7.90 25.96
N GLY K 63 -27.49 7.47 27.22
CA GLY K 63 -28.67 6.98 27.91
C GLY K 63 -29.04 5.53 27.66
N VAL K 64 -28.25 4.84 26.86
CA VAL K 64 -28.50 3.44 26.54
C VAL K 64 -27.15 2.82 26.21
N GLY K 65 -27.12 1.50 26.04
CA GLY K 65 -25.86 0.83 25.73
C GLY K 65 -25.18 0.42 27.03
N TYR K 66 -24.04 -0.26 26.92
CA TYR K 66 -23.33 -0.70 28.10
C TYR K 66 -21.86 -0.84 27.80
N VAL K 67 -21.08 -1.02 28.86
CA VAL K 67 -19.65 -1.17 28.70
C VAL K 67 -19.27 -2.63 28.94
N ARG K 68 -18.49 -3.21 28.05
CA ARG K 68 -18.05 -4.58 28.25
C ARG K 68 -16.56 -4.54 28.49
N ASP K 69 -16.09 -5.49 29.27
CA ASP K 69 -14.69 -5.60 29.64
C ASP K 69 -14.03 -6.76 28.92
N ARG K 70 -12.85 -6.53 28.37
CA ARG K 70 -12.09 -7.59 27.71
C ARG K 70 -10.61 -7.44 28.05
N GLY K 71 -10.31 -7.52 29.34
CA GLY K 71 -8.94 -7.41 29.80
C GLY K 71 -8.45 -5.99 29.96
N SER K 72 -7.35 -5.69 29.27
CA SER K 72 -6.76 -4.35 29.34
C SER K 72 -7.52 -3.34 28.50
N VAL K 73 -8.46 -3.82 27.69
CA VAL K 73 -9.26 -2.95 26.84
C VAL K 73 -10.74 -3.18 27.14
N SER K 74 -11.54 -2.13 26.95
CA SER K 74 -12.98 -2.19 27.20
C SER K 74 -13.72 -1.53 26.02
N ASP K 75 -15.02 -1.73 25.93
CA ASP K 75 -15.79 -1.13 24.85
C ASP K 75 -17.17 -0.66 25.30
N TYR K 76 -17.58 0.48 24.74
CA TYR K 76 -18.92 0.96 24.96
C TYR K 76 -19.64 0.27 23.81
N ILE K 77 -20.81 -0.30 24.06
CA ILE K 77 -21.53 -1.02 23.00
C ILE K 77 -23.00 -0.62 22.88
N LEU K 78 -23.45 -0.41 21.66
CA LEU K 78 -24.84 -0.05 21.42
C LEU K 78 -25.38 -0.85 20.24
N SER K 79 -26.31 -1.76 20.51
CA SER K 79 -26.88 -2.59 19.45
C SER K 79 -28.40 -2.52 19.32
N GLU K 80 -29.10 -2.13 20.38
CA GLU K 80 -30.55 -2.02 20.31
C GLU K 80 -30.90 -1.17 19.10
N ILE K 81 -31.51 -1.81 18.11
CA ILE K 81 -31.86 -1.17 16.85
C ILE K 81 -32.55 0.20 16.91
N LYS K 82 -33.59 0.34 17.70
CA LYS K 82 -34.29 1.61 17.78
C LYS K 82 -33.39 2.74 18.31
N PRO K 83 -32.76 2.56 19.47
CA PRO K 83 -31.88 3.60 20.01
C PRO K 83 -30.69 3.84 19.08
N LEU K 84 -30.24 2.77 18.45
CA LEU K 84 -29.12 2.86 17.52
C LEU K 84 -29.48 3.80 16.38
N HIS K 85 -30.65 3.59 15.79
CA HIS K 85 -31.10 4.43 14.68
C HIS K 85 -31.21 5.90 15.11
N ASN K 86 -31.83 6.15 16.26
CA ASN K 86 -32.00 7.50 16.79
C ASN K 86 -30.64 8.17 17.00
N PHE K 87 -29.73 7.42 17.62
CA PHE K 87 -28.38 7.93 17.89
C PHE K 87 -27.60 8.23 16.62
N LEU K 88 -27.49 7.25 15.73
CA LEU K 88 -26.72 7.45 14.49
C LEU K 88 -27.31 8.54 13.59
N THR K 89 -28.63 8.72 13.63
CA THR K 89 -29.24 9.76 12.81
C THR K 89 -28.69 11.12 13.24
N GLN K 90 -28.56 11.30 14.55
CA GLN K 90 -28.07 12.56 15.08
C GLN K 90 -26.55 12.72 14.98
N LEU K 91 -25.81 11.61 15.04
CA LEU K 91 -24.35 11.68 14.97
C LEU K 91 -23.85 11.84 13.54
N GLN K 92 -24.50 11.13 12.64
CA GLN K 92 -24.16 11.10 11.23
C GLN K 92 -23.72 12.42 10.55
N PRO K 93 -24.41 13.53 10.81
CA PRO K 93 -24.02 14.79 10.16
C PRO K 93 -22.60 15.27 10.50
N PHE K 94 -22.06 14.81 11.63
CA PHE K 94 -20.76 15.25 12.06
C PHE K 94 -19.57 14.32 11.82
N LEU K 95 -19.85 13.11 11.34
CA LEU K 95 -18.79 12.16 11.06
C LEU K 95 -18.08 12.55 9.76
N LYS K 96 -16.78 12.31 9.70
CA LYS K 96 -15.99 12.64 8.51
C LYS K 96 -15.36 11.38 7.90
N LEU K 97 -15.02 10.41 8.74
CA LEU K 97 -14.40 9.19 8.21
C LEU K 97 -15.39 8.02 8.19
N LYS K 98 -16.39 8.07 9.05
CA LYS K 98 -17.34 6.97 9.12
C LYS K 98 -18.77 7.37 8.81
N GLN K 99 -18.93 8.48 8.11
CA GLN K 99 -20.27 8.93 7.77
C GLN K 99 -20.93 7.93 6.84
N LYS K 100 -20.17 7.40 5.88
CA LYS K 100 -20.73 6.43 4.93
C LYS K 100 -21.24 5.19 5.64
N GLN K 101 -20.45 4.66 6.57
CA GLN K 101 -20.87 3.47 7.31
C GLN K 101 -22.14 3.79 8.10
N ALA K 102 -22.17 4.94 8.76
CA ALA K 102 -23.35 5.31 9.55
C ALA K 102 -24.61 5.31 8.69
N ASN K 103 -24.54 5.94 7.52
CA ASN K 103 -25.66 6.03 6.60
C ASN K 103 -26.14 4.66 6.14
N LEU K 104 -25.18 3.78 5.83
CA LEU K 104 -25.52 2.43 5.40
C LEU K 104 -26.21 1.66 6.50
N VAL K 105 -25.78 1.87 7.74
CA VAL K 105 -26.41 1.18 8.86
C VAL K 105 -27.83 1.72 9.01
N LEU K 106 -27.99 3.02 8.80
CA LEU K 106 -29.32 3.62 8.90
C LEU K 106 -30.23 3.01 7.83
N LYS K 107 -29.70 2.88 6.61
CA LYS K 107 -30.45 2.32 5.50
C LYS K 107 -30.89 0.90 5.83
N ILE K 108 -29.93 0.09 6.29
CA ILE K 108 -30.19 -1.29 6.67
C ILE K 108 -31.27 -1.39 7.75
N ILE K 109 -31.18 -0.55 8.77
CA ILE K 109 -32.17 -0.60 9.85
C ILE K 109 -33.56 -0.33 9.30
N GLU K 110 -33.68 0.68 8.45
CA GLU K 110 -34.96 1.05 7.87
C GLU K 110 -35.53 -0.06 7.01
N GLN K 111 -34.67 -0.91 6.47
CA GLN K 111 -35.10 -2.01 5.60
C GLN K 111 -35.33 -3.34 6.29
N LEU K 112 -34.87 -3.47 7.52
CA LEU K 112 -35.01 -4.71 8.27
C LEU K 112 -36.38 -5.38 8.20
N PRO K 113 -37.46 -4.62 8.46
CA PRO K 113 -38.79 -5.23 8.41
C PRO K 113 -38.98 -5.97 7.08
N SER K 114 -38.94 -5.21 6.00
CA SER K 114 -39.11 -5.72 4.65
C SER K 114 -38.08 -6.78 4.21
N ALA K 115 -36.90 -6.75 4.81
CA ALA K 115 -35.84 -7.71 4.46
C ALA K 115 -36.13 -9.09 5.06
N LYS K 116 -36.93 -9.11 6.11
CA LYS K 116 -37.28 -10.35 6.80
C LYS K 116 -38.27 -11.18 6.01
N GLU K 117 -38.48 -10.82 4.75
CA GLU K 117 -39.42 -11.53 3.90
C GLU K 117 -38.76 -12.18 2.69
N SER K 118 -38.56 -11.37 1.66
CA SER K 118 -37.95 -11.86 0.42
C SER K 118 -36.48 -12.24 0.57
N PRO K 119 -36.14 -13.49 0.20
CA PRO K 119 -34.75 -13.92 0.31
C PRO K 119 -33.85 -13.05 -0.57
N ASP K 120 -34.45 -12.41 -1.57
CA ASP K 120 -33.69 -11.55 -2.47
C ASP K 120 -33.40 -10.22 -1.80
N LYS K 121 -34.34 -9.77 -0.98
CA LYS K 121 -34.20 -8.51 -0.26
C LYS K 121 -33.16 -8.65 0.83
N PHE K 122 -33.24 -9.77 1.56
CA PHE K 122 -32.30 -10.07 2.63
C PHE K 122 -30.91 -10.12 2.03
N LEU K 123 -30.83 -10.63 0.81
CA LEU K 123 -29.57 -10.76 0.10
C LEU K 123 -29.07 -9.36 -0.22
N GLU K 124 -29.96 -8.51 -0.71
CA GLU K 124 -29.60 -7.15 -1.05
C GLU K 124 -29.07 -6.44 0.20
N VAL K 125 -29.83 -6.52 1.30
CA VAL K 125 -29.41 -5.89 2.54
C VAL K 125 -28.04 -6.43 2.95
N CYS K 126 -27.79 -7.70 2.63
CA CYS K 126 -26.51 -8.30 2.96
C CYS K 126 -25.38 -7.69 2.14
N THR K 127 -25.70 -7.17 0.97
CA THR K 127 -24.66 -6.54 0.14
C THR K 127 -24.30 -5.19 0.75
N TRP K 128 -25.26 -4.58 1.43
CA TRP K 128 -25.02 -3.29 2.08
C TRP K 128 -24.09 -3.56 3.26
N VAL K 129 -24.22 -4.73 3.86
CA VAL K 129 -23.35 -5.09 4.96
C VAL K 129 -21.93 -5.20 4.41
N ASP K 130 -21.82 -5.68 3.17
CA ASP K 130 -20.54 -5.83 2.49
C ASP K 130 -19.87 -4.47 2.29
N GLN K 131 -20.65 -3.48 1.85
CA GLN K 131 -20.14 -2.14 1.61
C GLN K 131 -19.57 -1.48 2.86
N ILE K 132 -20.21 -1.72 4.00
CA ILE K 132 -19.74 -1.16 5.27
C ILE K 132 -18.40 -1.76 5.63
N ALA K 133 -18.29 -3.07 5.48
CA ALA K 133 -17.05 -3.76 5.77
C ALA K 133 -15.94 -3.24 4.86
N ALA K 134 -16.28 -2.95 3.60
CA ALA K 134 -15.31 -2.45 2.64
C ALA K 134 -14.78 -1.06 3.03
N LEU K 135 -15.63 -0.27 3.68
CA LEU K 135 -15.23 1.06 4.12
C LEU K 135 -14.41 0.98 5.41
N ASN K 136 -14.63 -0.05 6.21
CA ASN K 136 -13.88 -0.20 7.45
C ASN K 136 -12.52 -0.81 7.16
N ASP K 137 -11.66 -0.90 8.17
CA ASP K 137 -10.35 -1.50 7.97
C ASP K 137 -10.50 -2.98 8.33
N SER K 138 -11.39 -3.63 7.59
CA SER K 138 -11.72 -5.04 7.77
C SER K 138 -10.55 -5.96 7.42
N LYS K 139 -10.20 -6.83 8.36
CA LYS K 139 -9.10 -7.78 8.20
C LYS K 139 -9.41 -9.23 8.58
N THR K 140 -10.53 -9.49 9.25
CA THR K 140 -10.86 -10.87 9.63
C THR K 140 -12.30 -11.27 9.33
N ARG K 141 -12.88 -10.70 8.27
CA ARG K 141 -14.26 -11.00 7.92
C ARG K 141 -14.40 -12.37 7.25
N LYS K 142 -15.49 -13.07 7.56
CA LYS K 142 -15.75 -14.39 6.99
C LYS K 142 -17.07 -14.47 6.25
N THR K 143 -18.16 -14.32 6.98
CA THR K 143 -19.48 -14.39 6.39
C THR K 143 -19.84 -13.12 5.64
N THR K 144 -20.08 -13.25 4.34
CA THR K 144 -20.44 -12.12 3.48
C THR K 144 -21.75 -12.43 2.80
N SER K 145 -22.24 -11.52 1.96
CA SER K 145 -23.50 -11.75 1.27
C SER K 145 -23.34 -12.99 0.40
N GLU K 146 -22.12 -13.25 -0.03
CA GLU K 146 -21.83 -14.41 -0.87
C GLU K 146 -22.07 -15.72 -0.12
N THR K 147 -21.60 -15.79 1.13
CA THR K 147 -21.79 -16.99 1.93
C THR K 147 -23.29 -17.20 2.14
N VAL K 148 -24.01 -16.09 2.31
CA VAL K 148 -25.45 -16.13 2.51
C VAL K 148 -26.16 -16.57 1.25
N ARG K 149 -25.53 -16.41 0.09
CA ARG K 149 -26.18 -16.83 -1.15
C ARG K 149 -26.27 -18.34 -1.32
N ALA K 150 -25.60 -19.10 -0.44
CA ALA K 150 -25.66 -20.56 -0.52
C ALA K 150 -27.03 -20.97 0.04
N VAL K 151 -28.04 -20.17 -0.28
CA VAL K 151 -29.44 -20.36 0.17
C VAL K 151 -30.32 -21.19 -0.81
N THR L 3 -4.53 33.48 14.70
CA THR L 3 -5.63 32.78 13.97
C THR L 3 -6.69 32.24 14.93
N LYS L 4 -7.94 32.57 14.65
CA LYS L 4 -9.06 32.11 15.48
C LYS L 4 -9.70 30.94 14.77
N TYR L 5 -9.77 29.80 15.45
CA TYR L 5 -10.35 28.61 14.84
C TYR L 5 -11.83 28.52 15.13
N ASN L 6 -12.54 27.80 14.26
CA ASN L 6 -13.97 27.61 14.41
C ASN L 6 -14.29 26.65 15.54
N LYS L 7 -15.22 27.04 16.41
CA LYS L 7 -15.61 26.22 17.56
C LYS L 7 -16.05 24.80 17.19
N GLU L 8 -16.85 24.66 16.15
CA GLU L 8 -17.31 23.34 15.76
C GLU L 8 -16.17 22.44 15.29
N PHE L 9 -15.18 23.03 14.63
CA PHE L 9 -13.99 22.31 14.15
C PHE L 9 -13.19 21.84 15.37
N LEU L 10 -13.01 22.75 16.33
CA LEU L 10 -12.28 22.46 17.55
C LEU L 10 -12.94 21.35 18.37
N LEU L 11 -14.28 21.37 18.46
CA LEU L 11 -14.99 20.34 19.22
C LEU L 11 -14.73 18.97 18.61
N TYR L 12 -14.90 18.86 17.29
CA TYR L 12 -14.66 17.61 16.56
C TYR L 12 -13.22 17.17 16.67
N LEU L 13 -12.29 18.12 16.47
CA LEU L 13 -10.87 17.78 16.54
C LEU L 13 -10.45 17.33 17.93
N ALA L 14 -11.04 17.93 18.97
CA ALA L 14 -10.69 17.54 20.34
C ALA L 14 -11.08 16.09 20.57
N GLY L 15 -12.19 15.68 19.98
CA GLY L 15 -12.63 14.30 20.11
C GLY L 15 -11.67 13.41 19.36
N PHE L 16 -11.30 13.81 18.14
CA PHE L 16 -10.37 13.02 17.34
C PHE L 16 -9.01 12.88 18.03
N VAL L 17 -8.54 13.99 18.61
CA VAL L 17 -7.25 14.01 19.31
C VAL L 17 -7.28 13.12 20.55
N ASP L 18 -8.37 13.19 21.32
CA ASP L 18 -8.48 12.36 22.51
C ASP L 18 -8.41 10.91 22.08
N GLY L 19 -8.90 10.63 20.87
CA GLY L 19 -8.88 9.26 20.35
C GLY L 19 -7.57 8.86 19.69
N ASP L 20 -7.16 9.60 18.66
CA ASP L 20 -5.95 9.26 17.91
C ASP L 20 -4.79 10.25 17.91
N GLY L 21 -4.94 11.35 18.65
CA GLY L 21 -3.89 12.34 18.69
C GLY L 21 -2.93 12.09 19.84
N SER L 22 -1.96 12.98 20.00
CA SER L 22 -0.98 12.88 21.06
C SER L 22 -0.43 14.25 21.36
N ILE L 23 -0.32 14.57 22.65
CA ILE L 23 0.24 15.82 23.09
C ILE L 23 1.52 15.40 23.78
N ILE L 24 2.64 15.61 23.07
CA ILE L 24 3.95 15.15 23.50
C ILE L 24 4.96 16.20 23.93
N ALA L 25 5.66 15.92 25.03
CA ALA L 25 6.70 16.81 25.53
C ALA L 25 7.95 15.93 25.67
N GLN L 26 9.09 16.42 25.18
CA GLN L 26 10.32 15.63 25.26
C GLN L 26 11.55 16.44 25.61
N ILE L 27 12.54 15.73 26.12
CA ILE L 27 13.83 16.29 26.49
C ILE L 27 14.80 15.55 25.59
N LYS L 28 15.32 16.26 24.60
CA LYS L 28 16.24 15.66 23.64
C LYS L 28 17.70 16.00 23.92
N PRO L 29 18.52 14.97 24.17
CA PRO L 29 19.95 15.21 24.43
C PRO L 29 20.60 15.74 23.16
N ASN L 30 21.16 16.94 23.23
CA ASN L 30 21.81 17.54 22.07
C ASN L 30 22.91 18.46 22.58
N GLN L 31 24.14 18.15 22.21
CA GLN L 31 25.31 18.93 22.63
C GLN L 31 25.33 20.39 22.19
N SER L 32 24.71 20.68 21.04
CA SER L 32 24.70 22.06 20.55
C SER L 32 23.78 22.97 21.36
N TYR L 33 23.18 22.44 22.42
CA TYR L 33 22.30 23.23 23.27
C TYR L 33 22.92 23.56 24.62
N LYS L 34 22.48 24.66 25.21
CA LYS L 34 22.99 25.12 26.49
C LYS L 34 23.16 24.03 27.54
N PHE L 35 22.04 23.48 28.03
CA PHE L 35 22.11 22.44 29.04
C PHE L 35 22.21 21.06 28.42
N LYS L 36 22.77 20.99 27.21
CA LYS L 36 22.96 19.74 26.50
C LYS L 36 21.67 19.02 26.11
N HIS L 37 20.53 19.67 26.36
CA HIS L 37 19.23 19.07 26.03
C HIS L 37 18.25 20.09 25.45
N GLN L 38 17.45 19.66 24.47
CA GLN L 38 16.45 20.54 23.86
C GLN L 38 15.04 20.13 24.29
N LEU L 39 14.29 21.10 24.82
CA LEU L 39 12.91 20.86 25.20
C LEU L 39 12.14 20.88 23.91
N SER L 40 11.31 19.86 23.68
CA SER L 40 10.54 19.76 22.46
C SER L 40 9.08 19.41 22.74
N LEU L 41 8.17 20.20 22.18
CA LEU L 41 6.75 19.99 22.37
C LEU L 41 6.12 19.71 21.01
N THR L 42 5.27 18.70 20.96
CA THR L 42 4.63 18.32 19.70
C THR L 42 3.17 17.94 19.86
N PHE L 43 2.35 18.39 18.92
CA PHE L 43 0.94 18.03 18.87
C PHE L 43 0.87 17.22 17.59
N GLN L 44 0.28 16.03 17.65
CA GLN L 44 0.18 15.24 16.44
C GLN L 44 -1.11 14.44 16.38
N VAL L 45 -1.50 14.09 15.17
CA VAL L 45 -2.69 13.26 14.96
C VAL L 45 -2.17 12.22 13.99
N THR L 46 -2.30 10.95 14.36
CA THR L 46 -1.84 9.84 13.53
C THR L 46 -3.00 9.20 12.77
N GLN L 47 -2.73 8.75 11.54
CA GLN L 47 -3.78 8.08 10.78
C GLN L 47 -3.20 7.28 9.63
N LYS L 48 -3.87 6.18 9.30
CA LYS L 48 -3.47 5.30 8.21
C LYS L 48 -3.25 6.15 6.96
N THR L 49 -2.16 5.89 6.26
CA THR L 49 -1.83 6.66 5.07
C THR L 49 -2.92 6.72 4.03
N GLN L 50 -3.75 5.69 3.93
CA GLN L 50 -4.83 5.70 2.96
C GLN L 50 -5.81 6.83 3.29
N ARG L 51 -5.68 7.38 4.49
CA ARG L 51 -6.55 8.48 4.92
C ARG L 51 -5.70 9.73 5.10
N ARG L 52 -4.64 9.82 4.31
CA ARG L 52 -3.76 10.98 4.40
C ARG L 52 -4.52 12.27 4.09
N TRP L 53 -5.58 12.17 3.27
CA TRP L 53 -6.35 13.37 2.91
C TRP L 53 -6.93 14.07 4.14
N PHE L 54 -7.23 13.30 5.17
CA PHE L 54 -7.78 13.83 6.42
C PHE L 54 -6.72 14.69 7.10
N LEU L 55 -5.50 14.19 7.13
CA LEU L 55 -4.39 14.89 7.75
C LEU L 55 -4.01 16.14 6.95
N ASP L 56 -4.07 16.06 5.61
CA ASP L 56 -3.73 17.24 4.80
C ASP L 56 -4.75 18.33 5.10
N LYS L 57 -5.97 17.91 5.39
CA LYS L 57 -7.07 18.81 5.72
C LYS L 57 -6.73 19.56 7.00
N LEU L 58 -6.07 18.88 7.93
CA LEU L 58 -5.70 19.52 9.20
C LEU L 58 -4.72 20.65 8.92
N VAL L 59 -3.79 20.42 7.99
CA VAL L 59 -2.83 21.45 7.65
C VAL L 59 -3.55 22.67 7.10
N ASP L 60 -4.52 22.47 6.23
CA ASP L 60 -5.26 23.58 5.64
C ASP L 60 -6.07 24.33 6.70
N GLU L 61 -6.73 23.57 7.55
CA GLU L 61 -7.57 24.13 8.60
C GLU L 61 -6.79 24.86 9.68
N ILE L 62 -5.74 24.21 10.20
CA ILE L 62 -4.95 24.84 11.25
C ILE L 62 -4.05 25.92 10.66
N GLY L 63 -3.68 25.76 9.39
CA GLY L 63 -2.86 26.75 8.71
C GLY L 63 -1.37 26.67 8.98
N VAL L 64 -0.97 25.69 9.77
CA VAL L 64 0.43 25.52 10.12
C VAL L 64 0.70 24.04 10.34
N GLY L 65 1.96 23.66 10.42
CA GLY L 65 2.30 22.26 10.62
C GLY L 65 2.45 21.54 9.31
N TYR L 66 2.64 20.22 9.36
CA TYR L 66 2.79 19.45 8.14
C TYR L 66 2.47 17.98 8.35
N VAL L 67 2.30 17.27 7.25
CA VAL L 67 2.00 15.84 7.29
C VAL L 67 3.24 15.05 6.95
N ARG L 68 3.54 14.09 7.81
CA ARG L 68 4.70 13.24 7.65
C ARG L 68 4.24 11.85 7.22
N ASP L 69 5.08 11.18 6.45
CA ASP L 69 4.74 9.84 5.97
C ASP L 69 5.72 8.83 6.56
N ARG L 70 5.20 7.72 7.07
CA ARG L 70 6.05 6.68 7.63
C ARG L 70 5.53 5.29 7.27
N GLY L 71 5.33 5.07 5.98
CA GLY L 71 4.84 3.78 5.51
C GLY L 71 3.34 3.70 5.38
N SER L 72 2.75 2.75 6.10
CA SER L 72 1.31 2.54 6.06
C SER L 72 0.60 3.53 6.97
N VAL L 73 1.39 4.31 7.70
CA VAL L 73 0.85 5.31 8.64
C VAL L 73 1.47 6.68 8.40
N SER L 74 0.68 7.73 8.61
CA SER L 74 1.15 9.10 8.44
C SER L 74 0.76 9.91 9.68
N ASP L 75 1.34 11.09 9.84
CA ASP L 75 1.03 11.91 10.99
C ASP L 75 1.00 13.40 10.65
N TYR L 76 0.03 14.11 11.20
CA TYR L 76 0.00 15.54 11.07
C TYR L 76 0.85 15.95 12.29
N ILE L 77 1.77 16.89 12.11
CA ILE L 77 2.64 17.30 13.21
C ILE L 77 2.73 18.82 13.33
N LEU L 78 2.66 19.31 14.56
CA LEU L 78 2.76 20.75 14.82
C LEU L 78 3.65 21.00 16.03
N SER L 79 4.82 21.58 15.78
CA SER L 79 5.79 21.88 16.84
C SER L 79 6.21 23.34 16.94
N GLU L 80 5.99 24.14 15.90
CA GLU L 80 6.34 25.55 16.00
C GLU L 80 5.65 26.03 17.28
N ILE L 81 6.43 26.54 18.22
CA ILE L 81 5.93 26.98 19.52
C ILE L 81 4.81 28.03 19.57
N LYS L 82 4.99 29.15 18.89
CA LYS L 82 3.96 30.19 18.89
C LYS L 82 2.61 29.66 18.34
N PRO L 83 2.63 29.03 17.16
CA PRO L 83 1.40 28.50 16.57
C PRO L 83 0.81 27.38 17.44
N LEU L 84 1.69 26.58 18.04
CA LEU L 84 1.26 25.49 18.91
C LEU L 84 0.50 26.07 20.09
N HIS L 85 1.07 27.09 20.73
CA HIS L 85 0.42 27.72 21.86
C HIS L 85 -0.95 28.30 21.50
N ASN L 86 -1.03 28.97 20.36
CA ASN L 86 -2.29 29.55 19.91
C ASN L 86 -3.33 28.45 19.66
N PHE L 87 -2.90 27.35 19.04
CA PHE L 87 -3.80 26.25 18.74
C PHE L 87 -4.26 25.49 19.99
N LEU L 88 -3.31 25.12 20.84
CA LEU L 88 -3.67 24.38 22.06
C LEU L 88 -4.53 25.20 23.00
N THR L 89 -4.26 26.50 23.11
CA THR L 89 -5.08 27.35 23.97
C THR L 89 -6.54 27.24 23.53
N GLN L 90 -6.77 27.18 22.22
CA GLN L 90 -8.13 27.11 21.71
C GLN L 90 -8.75 25.71 21.75
N LEU L 91 -7.91 24.68 21.73
CA LEU L 91 -8.40 23.30 21.79
C LEU L 91 -8.68 22.87 23.22
N GLN L 92 -7.90 23.40 24.15
CA GLN L 92 -7.98 23.05 25.57
C GLN L 92 -9.39 22.92 26.20
N PRO L 93 -10.30 23.89 25.96
CA PRO L 93 -11.65 23.80 26.55
C PRO L 93 -12.45 22.55 26.17
N PHE L 94 -12.09 21.91 25.06
CA PHE L 94 -12.85 20.78 24.57
C PHE L 94 -12.24 19.39 24.77
N LEU L 95 -11.01 19.32 25.24
CA LEU L 95 -10.38 18.02 25.48
C LEU L 95 -10.95 17.39 26.74
N LYS L 96 -11.09 16.06 26.74
CA LYS L 96 -11.64 15.33 27.90
C LYS L 96 -10.62 14.32 28.43
N LEU L 97 -9.87 13.69 27.54
CA LEU L 97 -8.86 12.73 27.98
C LEU L 97 -7.48 13.36 28.08
N LYS L 98 -7.20 14.34 27.23
CA LYS L 98 -5.88 14.95 27.22
C LYS L 98 -5.82 16.43 27.63
N GLN L 99 -6.83 16.89 28.36
CA GLN L 99 -6.87 18.28 28.80
C GLN L 99 -5.73 18.59 29.77
N LYS L 100 -5.45 17.66 30.68
CA LYS L 100 -4.37 17.87 31.63
C LYS L 100 -3.05 18.04 30.88
N GLN L 101 -2.82 17.20 29.87
CA GLN L 101 -1.58 17.29 29.10
C GLN L 101 -1.51 18.66 28.40
N ALA L 102 -2.65 19.10 27.85
CA ALA L 102 -2.69 20.38 27.15
C ALA L 102 -2.36 21.51 28.10
N ASN L 103 -2.96 21.49 29.30
CA ASN L 103 -2.68 22.51 30.31
C ASN L 103 -1.20 22.62 30.64
N LEU L 104 -0.57 21.47 30.84
CA LEU L 104 0.85 21.41 31.17
C LEU L 104 1.71 21.93 30.04
N VAL L 105 1.37 21.56 28.81
CA VAL L 105 2.15 22.04 27.67
C VAL L 105 2.05 23.55 27.59
N LEU L 106 0.85 24.10 27.80
CA LEU L 106 0.67 25.55 27.75
C LEU L 106 1.49 26.22 28.86
N LYS L 107 1.59 25.52 29.99
CA LYS L 107 2.35 26.02 31.12
C LYS L 107 3.85 26.00 30.77
N ILE L 108 4.33 24.92 30.17
CA ILE L 108 5.74 24.84 29.77
C ILE L 108 6.07 25.96 28.80
N ILE L 109 5.28 26.06 27.72
CA ILE L 109 5.53 27.09 26.72
C ILE L 109 5.70 28.47 27.34
N GLU L 110 4.80 28.84 28.25
CA GLU L 110 4.90 30.15 28.88
C GLU L 110 6.15 30.33 29.75
N GLN L 111 6.82 29.22 30.07
CA GLN L 111 8.02 29.28 30.91
C GLN L 111 9.31 29.16 30.10
N LEU L 112 9.22 28.73 28.86
CA LEU L 112 10.40 28.54 28.03
C LEU L 112 11.45 29.65 28.07
N PRO L 113 11.01 30.92 28.04
CA PRO L 113 11.99 32.00 28.08
C PRO L 113 12.86 31.98 29.34
N SER L 114 12.21 31.97 30.50
CA SER L 114 12.94 31.97 31.76
C SER L 114 13.59 30.64 32.10
N ALA L 115 13.24 29.58 31.37
CA ALA L 115 13.81 28.26 31.63
C ALA L 115 15.19 28.13 30.99
N LYS L 116 15.48 29.02 30.06
CA LYS L 116 16.75 29.02 29.34
C LYS L 116 17.87 29.65 30.15
N GLU L 117 17.60 29.97 31.40
CA GLU L 117 18.60 30.61 32.23
C GLU L 117 19.03 29.77 33.41
N SER L 118 18.22 29.75 34.46
CA SER L 118 18.55 28.97 35.65
C SER L 118 18.51 27.47 35.37
N PRO L 119 19.59 26.76 35.67
CA PRO L 119 19.62 25.31 35.44
C PRO L 119 18.56 24.67 36.33
N ASP L 120 18.16 25.41 37.36
CA ASP L 120 17.15 24.98 38.31
C ASP L 120 15.79 25.14 37.64
N LYS L 121 15.62 26.24 36.91
CA LYS L 121 14.38 26.52 36.21
C LYS L 121 14.17 25.47 35.13
N PHE L 122 15.21 25.19 34.37
CA PHE L 122 15.15 24.20 33.30
C PHE L 122 14.77 22.85 33.87
N LEU L 123 15.37 22.53 35.01
CA LEU L 123 15.12 21.26 35.68
C LEU L 123 13.66 21.13 36.05
N GLU L 124 13.10 22.21 36.61
CA GLU L 124 11.71 22.20 37.01
C GLU L 124 10.79 22.01 35.82
N VAL L 125 11.11 22.68 34.72
CA VAL L 125 10.30 22.56 33.51
C VAL L 125 10.38 21.12 33.02
N CYS L 126 11.54 20.50 33.22
CA CYS L 126 11.74 19.11 32.80
C CYS L 126 10.82 18.20 33.62
N THR L 127 10.46 18.67 34.81
CA THR L 127 9.59 17.94 35.71
C THR L 127 8.18 17.90 35.12
N TRP L 128 7.78 19.03 34.55
CA TRP L 128 6.46 19.16 33.95
C TRP L 128 6.37 18.21 32.77
N VAL L 129 7.50 18.01 32.11
CA VAL L 129 7.57 17.10 30.98
C VAL L 129 7.34 15.68 31.50
N ASP L 130 7.91 15.36 32.66
CA ASP L 130 7.73 14.03 33.25
C ASP L 130 6.24 13.79 33.50
N GLN L 131 5.56 14.83 33.98
CA GLN L 131 4.14 14.72 34.28
C GLN L 131 3.30 14.44 33.04
N ILE L 132 3.68 15.04 31.91
CA ILE L 132 2.93 14.81 30.68
C ILE L 132 3.13 13.36 30.28
N ALA L 133 4.37 12.88 30.31
CA ALA L 133 4.64 11.50 29.94
C ALA L 133 3.89 10.54 30.86
N ALA L 134 3.72 10.92 32.13
CA ALA L 134 3.02 10.07 33.09
C ALA L 134 1.52 9.99 32.76
N LEU L 135 0.98 11.08 32.21
CA LEU L 135 -0.43 11.12 31.85
C LEU L 135 -0.67 10.35 30.55
N ASN L 136 0.31 10.35 29.66
CA ASN L 136 0.18 9.63 28.39
C ASN L 136 0.41 8.13 28.61
N ASP L 137 0.17 7.33 27.57
CA ASP L 137 0.39 5.87 27.65
C ASP L 137 1.85 5.62 27.24
N SER L 138 2.76 6.18 28.02
CA SER L 138 4.22 6.11 27.80
C SER L 138 4.81 4.70 27.99
N LYS L 139 5.57 4.21 27.01
CA LYS L 139 6.17 2.87 27.12
C LYS L 139 7.61 2.72 26.63
N THR L 140 8.19 3.75 26.00
CA THR L 140 9.55 3.64 25.49
C THR L 140 10.40 4.86 25.80
N ARG L 141 10.01 5.58 26.84
CA ARG L 141 10.70 6.79 27.25
C ARG L 141 12.05 6.54 27.93
N LYS L 142 13.03 7.37 27.60
CA LYS L 142 14.37 7.27 28.15
C LYS L 142 14.83 8.53 28.86
N THR L 143 14.91 9.64 28.10
CA THR L 143 15.36 10.91 28.67
C THR L 143 14.30 11.59 29.50
N THR L 144 14.64 11.72 30.77
CA THR L 144 13.80 12.27 31.80
C THR L 144 14.47 13.49 32.43
N SER L 145 13.88 14.01 33.48
CA SER L 145 14.46 15.15 34.17
C SER L 145 15.63 14.62 34.99
N GLU L 146 15.56 13.34 35.35
CA GLU L 146 16.62 12.72 36.15
C GLU L 146 17.88 12.63 35.31
N THR L 147 17.73 12.20 34.06
CA THR L 147 18.88 12.07 33.18
C THR L 147 19.44 13.45 32.90
N VAL L 148 18.61 14.48 33.07
CA VAL L 148 19.09 15.85 32.86
C VAL L 148 19.84 16.28 34.12
N ARG L 149 19.44 15.77 35.30
CA ARG L 149 20.12 16.15 36.53
C ARG L 149 21.57 15.80 36.48
N ALA L 150 21.93 14.85 35.61
CA ALA L 150 23.34 14.49 35.54
C ALA L 150 24.08 15.66 34.89
N VAL L 151 23.59 16.87 35.12
CA VAL L 151 24.19 18.09 34.58
C VAL L 151 24.83 19.00 35.64
CA CA M . 9.63 -9.72 -12.93
CA CA N . 10.80 -12.72 -14.84
CA CA O . 8.64 -6.15 -13.83
CA CA P . -6.87 4.72 17.88
CA CA Q . -7.14 6.19 21.31
CA CA R . -8.41 5.47 14.47
#